data_1D5J
#
_entry.id   1D5J
#
_cell.length_a   37.78
_cell.length_b   78.54
_cell.length_c   105.27
_cell.angle_alpha   90
_cell.angle_beta   90
_cell.angle_gamma   90
#
_symmetry.space_group_name_H-M   'P 21 21 21'
#
loop_
_entity.id
_entity.type
_entity.pdbx_description
1 polymer STROMELYSIN-1
2 non-polymer 'ZINC ION'
3 non-polymer 'CALCIUM ION'
4 non-polymer N-HYDROXY-4-[(4-METHOXYLPHENYL)SULFONYL]-2,2-DIMETHYL-HEXAHYDRO-1,4-THIAZEPINE-3(S)-CARBOXAMIDE
5 water water
#
_entity_poly.entity_id   1
_entity_poly.type   'polypeptide(L)'
_entity_poly.pdbx_seq_one_letter_code
;FRTFPGIPKWRKTHLTYRIVNYTPDLPKDAVDSAVEKALKVWEEVTPLTFSRLYEGEADIMISFAVREHGDFYPFDGPGN
VLAHAYAPGPGINGDAHFDDDEQWTKDTTGTNLFLVAAHEIGHSLGLFHSANTEALMYPLYHSLTDLTRFRLSQDDINGI
QSLYGPPPDSPET
;
_entity_poly.pdbx_strand_id   A,B
#
# COMPACT_ATOMS: atom_id res chain seq x y z
N PHE A 1 -9.99 4.32 -31.69
CA PHE A 1 -8.92 4.03 -30.72
C PHE A 1 -7.59 4.70 -31.08
N ARG A 2 -6.56 4.34 -30.32
CA ARG A 2 -5.23 4.87 -30.52
C ARG A 2 -4.23 4.12 -29.65
N THR A 3 -3.26 3.47 -30.29
CA THR A 3 -2.24 2.75 -29.55
C THR A 3 -1.17 3.71 -29.09
N PHE A 4 -0.04 3.16 -28.67
CA PHE A 4 1.05 4.00 -28.23
C PHE A 4 2.05 4.29 -29.36
N PRO A 5 3.07 5.09 -29.08
CA PRO A 5 4.09 5.43 -30.09
C PRO A 5 5.12 4.31 -30.25
N GLY A 6 5.38 3.91 -31.49
CA GLY A 6 6.18 2.72 -31.74
C GLY A 6 5.39 1.45 -31.46
N ILE A 7 4.09 1.64 -31.21
CA ILE A 7 3.14 0.57 -30.92
C ILE A 7 3.62 -0.56 -30.02
N PRO A 8 3.93 -0.24 -28.76
CA PRO A 8 4.39 -1.25 -27.80
C PRO A 8 3.26 -2.24 -27.48
N LYS A 9 3.62 -3.50 -27.36
CA LYS A 9 2.68 -4.56 -27.06
C LYS A 9 3.50 -5.74 -26.57
N TRP A 10 2.97 -6.50 -25.63
CA TRP A 10 3.73 -7.63 -25.14
C TRP A 10 3.95 -8.65 -26.25
N ARG A 11 5.10 -9.31 -26.16
CA ARG A 11 5.52 -10.31 -27.11
C ARG A 11 5.12 -11.71 -26.60
N LYS A 12 4.02 -11.75 -25.86
CA LYS A 12 3.57 -13.01 -25.30
C LYS A 12 2.09 -12.89 -24.94
N THR A 13 1.35 -13.96 -25.14
CA THR A 13 -0.08 -13.95 -24.88
C THR A 13 -0.50 -14.09 -23.42
N HIS A 14 0.38 -14.67 -22.62
CA HIS A 14 0.08 -14.85 -21.22
C HIS A 14 0.78 -13.84 -20.33
N LEU A 15 0.00 -13.12 -19.54
CA LEU A 15 0.53 -12.09 -18.66
C LEU A 15 0.23 -12.37 -17.18
N THR A 16 1.18 -12.06 -16.32
CA THR A 16 0.99 -12.25 -14.90
C THR A 16 0.69 -10.91 -14.25
N TYR A 17 -0.19 -10.92 -13.27
CA TYR A 17 -0.51 -9.69 -12.57
C TYR A 17 -0.41 -9.95 -11.08
N ARG A 18 -0.20 -8.89 -10.33
CA ARG A 18 -0.09 -8.98 -8.91
C ARG A 18 -0.64 -7.74 -8.26
N ILE A 19 -1.53 -7.95 -7.29
CA ILE A 19 -2.13 -6.87 -6.54
C ILE A 19 -1.17 -6.73 -5.37
N VAL A 20 -0.43 -5.63 -5.38
CA VAL A 20 0.61 -5.36 -4.37
C VAL A 20 0.16 -4.86 -3.00
N ASN A 21 -1.00 -4.22 -2.96
CA ASN A 21 -1.53 -3.71 -1.72
C ASN A 21 -3.03 -3.50 -1.85
N TYR A 22 -3.66 -3.17 -0.75
CA TYR A 22 -5.09 -2.98 -0.77
C TYR A 22 -5.59 -1.65 -0.24
N THR A 23 -6.64 -1.14 -0.86
CA THR A 23 -7.23 0.12 -0.48
C THR A 23 -8.12 -0.03 0.76
N PRO A 24 -8.01 0.90 1.72
CA PRO A 24 -8.84 0.77 2.90
C PRO A 24 -10.33 1.05 2.60
N ASP A 25 -10.61 1.52 1.38
CA ASP A 25 -11.96 1.90 0.97
C ASP A 25 -12.92 0.77 0.67
N LEU A 26 -12.38 -0.41 0.43
CA LEU A 26 -13.22 -1.51 0.02
C LEU A 26 -12.71 -2.82 0.63
N PRO A 27 -13.57 -3.83 0.70
CA PRO A 27 -13.17 -5.12 1.26
C PRO A 27 -12.17 -5.75 0.29
N LYS A 28 -11.10 -6.37 0.78
CA LYS A 28 -10.13 -6.98 -0.11
C LYS A 28 -10.84 -7.77 -1.22
N ASP A 29 -11.93 -8.42 -0.85
CA ASP A 29 -12.70 -9.21 -1.81
C ASP A 29 -13.25 -8.44 -3.02
N ALA A 30 -13.61 -7.16 -2.81
CA ALA A 30 -14.14 -6.33 -3.90
C ALA A 30 -13.03 -5.85 -4.82
N VAL A 31 -11.85 -5.64 -4.25
CA VAL A 31 -10.69 -5.20 -5.05
C VAL A 31 -10.29 -6.35 -5.99
N ASP A 32 -10.34 -7.57 -5.49
CA ASP A 32 -10.00 -8.75 -6.30
C ASP A 32 -10.96 -8.88 -7.50
N SER A 33 -12.25 -8.82 -7.23
CA SER A 33 -13.28 -8.94 -8.26
C SER A 33 -13.14 -7.90 -9.37
N ALA A 34 -12.96 -6.64 -8.98
CA ALA A 34 -12.79 -5.56 -9.95
C ALA A 34 -11.64 -5.89 -10.91
N VAL A 35 -10.47 -6.19 -10.35
CA VAL A 35 -9.30 -6.50 -11.17
C VAL A 35 -9.58 -7.68 -12.10
N GLU A 36 -10.17 -8.75 -11.57
CA GLU A 36 -10.48 -9.95 -12.36
C GLU A 36 -11.48 -9.62 -13.47
N LYS A 37 -12.42 -8.73 -13.19
CA LYS A 37 -13.41 -8.37 -14.21
C LYS A 37 -12.83 -7.35 -15.20
N ALA A 38 -11.88 -6.54 -14.75
CA ALA A 38 -11.25 -5.57 -15.65
C ALA A 38 -10.47 -6.42 -16.66
N LEU A 39 -9.90 -7.51 -16.15
CA LEU A 39 -9.14 -8.44 -16.98
C LEU A 39 -10.04 -9.27 -17.92
N LYS A 40 -11.23 -9.67 -17.45
CA LYS A 40 -12.14 -10.47 -18.30
C LYS A 40 -12.46 -9.73 -19.59
N VAL A 41 -12.79 -8.46 -19.44
CA VAL A 41 -13.12 -7.58 -20.55
C VAL A 41 -12.18 -7.77 -21.76
N TRP A 42 -10.89 -7.53 -21.56
CA TRP A 42 -9.91 -7.68 -22.64
C TRP A 42 -9.65 -9.14 -23.03
N GLU A 43 -9.62 -10.00 -22.02
CA GLU A 43 -9.37 -11.42 -22.25
C GLU A 43 -10.39 -12.06 -23.19
N GLU A 44 -11.60 -11.50 -23.21
CA GLU A 44 -12.70 -12.02 -24.04
C GLU A 44 -12.68 -11.71 -25.52
N VAL A 45 -11.85 -10.78 -25.95
CA VAL A 45 -11.82 -10.45 -27.36
C VAL A 45 -10.45 -10.57 -28.01
N THR A 46 -9.55 -11.27 -27.33
CA THR A 46 -8.17 -11.46 -27.81
C THR A 46 -7.62 -12.81 -27.36
N PRO A 47 -6.38 -13.13 -27.78
CA PRO A 47 -5.71 -14.39 -27.42
C PRO A 47 -5.01 -14.28 -26.06
N LEU A 48 -5.20 -13.14 -25.41
CA LEU A 48 -4.61 -12.83 -24.11
C LEU A 48 -5.24 -13.58 -22.95
N THR A 49 -4.40 -14.19 -22.11
CA THR A 49 -4.89 -14.90 -20.94
C THR A 49 -4.07 -14.36 -19.76
N PHE A 50 -4.58 -14.48 -18.54
CA PHE A 50 -3.85 -13.94 -17.39
C PHE A 50 -3.76 -14.85 -16.19
N SER A 51 -2.74 -14.62 -15.36
CA SER A 51 -2.59 -15.39 -14.13
C SER A 51 -2.00 -14.51 -13.04
N ARG A 52 -2.27 -14.88 -11.80
CA ARG A 52 -1.86 -14.11 -10.64
C ARG A 52 -0.65 -14.60 -9.84
N LEU A 53 0.18 -13.66 -9.41
CA LEU A 53 1.35 -13.98 -8.59
C LEU A 53 1.13 -13.34 -7.22
N TYR A 54 1.78 -13.86 -6.19
CA TYR A 54 1.64 -13.24 -4.87
C TYR A 54 3.03 -12.84 -4.43
N GLU A 55 3.98 -13.12 -5.30
CA GLU A 55 5.38 -12.78 -5.07
C GLU A 55 6.07 -12.62 -6.42
N GLY A 56 7.30 -12.13 -6.39
CA GLY A 56 8.00 -11.83 -7.63
C GLY A 56 7.45 -10.61 -8.36
N GLU A 57 8.16 -10.23 -9.39
CA GLU A 57 7.79 -9.09 -10.21
C GLU A 57 6.87 -9.58 -11.32
N ALA A 58 5.62 -9.12 -11.31
CA ALA A 58 4.70 -9.54 -12.35
C ALA A 58 4.68 -8.50 -13.45
N ASP A 59 4.24 -8.89 -14.64
CA ASP A 59 4.14 -7.95 -15.75
C ASP A 59 3.32 -6.76 -15.28
N ILE A 60 2.08 -7.04 -14.89
CA ILE A 60 1.14 -6.03 -14.42
C ILE A 60 1.06 -5.90 -12.89
N MET A 61 1.90 -5.05 -12.32
CA MET A 61 1.90 -4.80 -10.87
C MET A 61 0.84 -3.75 -10.59
N ILE A 62 -0.16 -4.10 -9.79
CA ILE A 62 -1.24 -3.18 -9.43
C ILE A 62 -1.12 -2.71 -7.99
N SER A 63 -1.39 -1.42 -7.74
CA SER A 63 -1.29 -0.89 -6.39
C SER A 63 -1.99 0.46 -6.19
N PHE A 64 -2.32 0.78 -4.95
CA PHE A 64 -2.97 2.06 -4.63
C PHE A 64 -1.91 2.93 -4.00
N ALA A 65 -1.96 4.23 -4.27
CA ALA A 65 -0.95 5.11 -3.75
C ALA A 65 -1.47 6.51 -3.55
N VAL A 66 -0.71 7.30 -2.82
CA VAL A 66 -1.08 8.67 -2.55
C VAL A 66 0.12 9.57 -2.84
N ARG A 67 -0.13 10.75 -3.41
CA ARG A 67 0.95 11.67 -3.70
C ARG A 67 2.17 10.98 -4.33
N GLU A 68 3.36 11.25 -3.77
CA GLU A 68 4.60 10.64 -4.22
C GLU A 68 4.59 9.17 -3.81
N HIS A 69 4.84 8.29 -4.77
CA HIS A 69 4.81 6.86 -4.48
C HIS A 69 5.85 6.00 -5.17
N GLY A 70 6.96 6.56 -5.62
CA GLY A 70 7.98 5.73 -6.22
C GLY A 70 8.34 6.05 -7.67
N ASP A 71 7.54 6.89 -8.33
CA ASP A 71 7.85 7.28 -9.70
C ASP A 71 7.92 8.80 -9.78
N PHE A 72 7.94 9.34 -10.99
CA PHE A 72 8.02 10.78 -11.17
C PHE A 72 6.70 11.53 -11.17
N TYR A 73 5.60 10.80 -11.21
CA TYR A 73 4.31 11.47 -11.27
C TYR A 73 3.48 11.29 -10.01
N PRO A 74 3.72 12.14 -9.03
CA PRO A 74 2.95 12.02 -7.80
C PRO A 74 1.47 12.24 -8.05
N PHE A 75 0.66 11.59 -7.23
CA PHE A 75 -0.77 11.72 -7.32
C PHE A 75 -1.11 13.08 -6.73
N ASP A 76 -2.28 13.58 -7.10
CA ASP A 76 -2.73 14.91 -6.69
C ASP A 76 -3.87 15.06 -5.69
N GLY A 77 -3.98 14.19 -4.69
CA GLY A 77 -5.13 14.31 -3.80
C GLY A 77 -6.44 13.85 -4.46
N PRO A 78 -7.58 14.17 -3.84
CA PRO A 78 -8.96 13.84 -4.27
C PRO A 78 -9.32 14.32 -5.67
N GLY A 79 -10.06 13.51 -6.41
CA GLY A 79 -10.42 13.89 -7.78
C GLY A 79 -9.30 14.09 -8.79
N ASN A 80 -9.67 14.64 -9.95
CA ASN A 80 -8.75 14.90 -11.06
C ASN A 80 -7.99 13.63 -11.49
N VAL A 81 -6.68 13.54 -11.34
CA VAL A 81 -6.07 12.26 -11.74
C VAL A 81 -6.56 11.12 -10.83
N LEU A 82 -7.32 10.19 -11.41
CA LEU A 82 -7.86 9.04 -10.68
C LEU A 82 -6.86 7.89 -10.60
N ALA A 83 -6.10 7.71 -11.67
CA ALA A 83 -5.12 6.62 -11.71
C ALA A 83 -4.36 6.70 -13.01
N HIS A 84 -3.12 6.23 -13.01
CA HIS A 84 -2.35 6.25 -14.24
C HIS A 84 -1.66 4.89 -14.40
N ALA A 85 -1.24 4.56 -15.62
CA ALA A 85 -0.60 3.27 -15.87
C ALA A 85 0.39 3.33 -17.04
N TYR A 86 1.28 2.34 -17.12
CA TYR A 86 2.30 2.30 -18.19
C TYR A 86 2.14 1.28 -19.30
N ALA A 87 2.63 1.67 -20.48
CA ALA A 87 2.60 0.82 -21.66
C ALA A 87 3.38 -0.47 -21.45
N PRO A 88 3.14 -1.49 -22.29
CA PRO A 88 3.86 -2.76 -22.14
C PRO A 88 5.38 -2.55 -22.09
N GLY A 89 6.08 -3.43 -21.38
CA GLY A 89 7.51 -3.25 -21.22
C GLY A 89 7.99 -3.80 -19.89
N PRO A 90 9.30 -3.78 -19.65
CA PRO A 90 9.90 -4.28 -18.41
C PRO A 90 9.75 -3.38 -17.19
N GLY A 91 9.78 -3.97 -16.00
CA GLY A 91 9.84 -3.15 -14.80
C GLY A 91 8.57 -2.34 -14.59
N ILE A 92 8.71 -1.06 -14.28
CA ILE A 92 7.54 -0.24 -14.05
C ILE A 92 6.53 -0.29 -15.23
N ASN A 93 7.01 -0.67 -16.40
CA ASN A 93 6.12 -0.76 -17.56
C ASN A 93 5.06 -1.85 -17.44
N GLY A 94 3.83 -1.49 -17.79
CA GLY A 94 2.72 -2.41 -17.65
C GLY A 94 2.03 -2.23 -16.32
N ASP A 95 2.68 -1.56 -15.39
CA ASP A 95 2.09 -1.36 -14.06
C ASP A 95 0.98 -0.32 -14.03
N ALA A 96 0.10 -0.46 -13.04
CA ALA A 96 -1.03 0.47 -12.87
C ALA A 96 -1.16 0.92 -11.44
N HIS A 97 -1.17 2.24 -11.23
CA HIS A 97 -1.28 2.80 -9.91
C HIS A 97 -2.61 3.54 -9.76
N PHE A 98 -3.24 3.31 -8.63
CA PHE A 98 -4.52 3.93 -8.32
C PHE A 98 -4.32 4.92 -7.18
N ASP A 99 -4.99 6.05 -7.25
CA ASP A 99 -4.89 7.10 -6.24
C ASP A 99 -5.84 6.76 -5.09
N ASP A 100 -5.32 6.62 -3.87
CA ASP A 100 -6.21 6.32 -2.79
C ASP A 100 -6.94 7.55 -2.28
N ASP A 101 -6.50 8.76 -2.62
CA ASP A 101 -7.24 9.93 -2.17
C ASP A 101 -8.60 10.01 -2.88
N GLU A 102 -8.92 8.92 -3.59
CA GLU A 102 -10.20 8.76 -4.27
C GLU A 102 -10.89 7.70 -3.42
N GLN A 103 -12.21 7.64 -3.52
CA GLN A 103 -12.99 6.67 -2.77
C GLN A 103 -13.44 5.57 -3.73
N TRP A 104 -12.65 4.50 -3.80
CA TRP A 104 -12.92 3.38 -4.70
C TRP A 104 -14.09 2.50 -4.28
N THR A 105 -15.15 2.52 -5.08
CA THR A 105 -16.35 1.76 -4.77
C THR A 105 -16.66 0.63 -5.75
N LYS A 106 -17.63 -0.21 -5.39
CA LYS A 106 -18.05 -1.34 -6.23
C LYS A 106 -19.29 -0.95 -7.03
N ASP A 107 -19.76 0.28 -6.83
CA ASP A 107 -20.93 0.73 -7.55
C ASP A 107 -20.56 2.03 -8.23
N THR A 108 -21.41 3.04 -8.13
CA THR A 108 -21.12 4.32 -8.76
C THR A 108 -21.29 5.42 -7.73
N THR A 109 -21.17 5.04 -6.46
CA THR A 109 -21.35 6.10 -5.47
C THR A 109 -20.04 6.87 -5.20
N GLY A 110 -19.04 6.51 -6.03
CA GLY A 110 -17.83 7.30 -5.99
C GLY A 110 -17.14 6.87 -7.24
N THR A 111 -15.86 6.50 -7.10
CA THR A 111 -15.09 6.05 -8.26
C THR A 111 -15.16 4.53 -8.34
N ASN A 112 -15.86 4.01 -9.35
CA ASN A 112 -15.95 2.57 -9.52
C ASN A 112 -14.57 1.97 -9.82
N LEU A 113 -14.15 0.98 -9.04
CA LEU A 113 -12.84 0.37 -9.25
C LEU A 113 -12.77 -0.44 -10.55
N PHE A 114 -13.83 -1.17 -10.86
CA PHE A 114 -13.87 -1.97 -12.07
C PHE A 114 -13.66 -1.12 -13.32
N LEU A 115 -14.64 -0.24 -13.59
CA LEU A 115 -14.62 0.67 -14.72
C LEU A 115 -13.27 1.37 -14.92
N VAL A 116 -12.72 1.91 -13.83
CA VAL A 116 -11.42 2.59 -13.91
C VAL A 116 -10.29 1.58 -14.09
N ALA A 117 -10.47 0.36 -13.60
CA ALA A 117 -9.43 -0.65 -13.76
C ALA A 117 -9.34 -1.17 -15.18
N ALA A 118 -10.49 -1.48 -15.78
CA ALA A 118 -10.54 -1.98 -17.16
C ALA A 118 -9.74 -1.05 -18.08
N HIS A 119 -9.97 0.25 -17.92
CA HIS A 119 -9.32 1.32 -18.68
C HIS A 119 -7.82 1.42 -18.40
N GLU A 120 -7.43 1.32 -17.14
CA GLU A 120 -5.99 1.38 -16.83
C GLU A 120 -5.26 0.16 -17.36
N ILE A 121 -5.95 -0.98 -17.35
CA ILE A 121 -5.34 -2.23 -17.81
C ILE A 121 -5.20 -2.30 -19.33
N GLY A 122 -6.07 -1.59 -20.04
CA GLY A 122 -5.88 -1.36 -21.46
C GLY A 122 -4.60 -0.61 -21.74
N HIS A 123 -4.20 0.23 -20.80
CA HIS A 123 -2.95 0.97 -20.92
C HIS A 123 -1.81 0.00 -20.83
N SER A 124 -1.84 -0.80 -19.77
CA SER A 124 -0.82 -1.83 -19.55
C SER A 124 -0.69 -2.73 -20.79
N LEU A 125 -1.81 -2.89 -21.50
CA LEU A 125 -1.89 -3.71 -22.70
C LEU A 125 -1.44 -3.01 -23.96
N GLY A 126 -1.48 -1.67 -23.96
CA GLY A 126 -0.86 -0.93 -25.06
C GLY A 126 -1.78 0.06 -25.74
N LEU A 127 -2.95 0.32 -25.15
CA LEU A 127 -3.89 1.28 -25.74
C LEU A 127 -3.86 2.63 -25.07
N PHE A 128 -3.83 3.67 -25.88
CA PHE A 128 -3.81 5.04 -25.39
C PHE A 128 -5.25 5.56 -25.42
N HIS A 129 -5.46 6.86 -25.24
CA HIS A 129 -6.82 7.39 -25.23
C HIS A 129 -7.56 7.43 -26.56
N SER A 130 -8.85 7.13 -26.47
CA SER A 130 -9.70 7.14 -27.65
C SER A 130 -10.47 8.43 -27.77
N ALA A 131 -10.74 8.86 -29.00
CA ALA A 131 -11.50 10.09 -29.22
C ALA A 131 -12.98 9.69 -29.11
N ASN A 132 -13.27 8.41 -29.34
CA ASN A 132 -14.65 7.96 -29.27
C ASN A 132 -15.23 8.16 -27.86
N THR A 133 -16.27 8.97 -27.79
CA THR A 133 -16.93 9.28 -26.54
C THR A 133 -17.53 8.05 -25.86
N GLU A 134 -18.15 7.16 -26.63
CA GLU A 134 -18.74 5.96 -26.03
C GLU A 134 -17.71 4.85 -25.75
N ALA A 135 -16.43 5.15 -25.95
CA ALA A 135 -15.39 4.16 -25.72
C ALA A 135 -14.89 4.11 -24.27
N LEU A 136 -14.53 2.92 -23.80
CA LEU A 136 -13.99 2.78 -22.46
C LEU A 136 -12.62 3.44 -22.36
N MET A 137 -11.91 3.56 -23.47
CA MET A 137 -10.59 4.19 -23.43
C MET A 137 -10.64 5.71 -23.53
N TYR A 138 -11.83 6.27 -23.60
CA TYR A 138 -11.96 7.72 -23.65
C TYR A 138 -11.48 8.15 -22.26
N PRO A 139 -10.85 9.33 -22.11
CA PRO A 139 -10.39 9.78 -20.76
C PRO A 139 -11.60 9.92 -19.82
N LEU A 140 -12.64 9.21 -20.20
CA LEU A 140 -13.98 9.17 -19.65
C LEU A 140 -14.35 8.79 -18.28
N TYR A 141 -14.40 9.76 -17.40
CA TYR A 141 -14.93 9.33 -16.16
C TYR A 141 -16.31 9.92 -15.95
N HIS A 142 -17.29 9.03 -16.00
CA HIS A 142 -18.64 9.43 -15.79
C HIS A 142 -19.34 8.58 -14.77
N SER A 143 -20.03 9.24 -13.86
CA SER A 143 -20.71 8.49 -12.80
C SER A 143 -22.13 8.17 -13.18
N LEU A 144 -22.47 8.26 -14.46
CA LEU A 144 -23.86 8.02 -14.84
C LEU A 144 -24.17 6.77 -15.62
N THR A 145 -23.16 5.91 -15.74
CA THR A 145 -23.34 4.68 -16.46
C THR A 145 -23.75 3.55 -15.53
N ASP A 146 -24.96 3.04 -15.71
CA ASP A 146 -25.38 1.88 -14.95
C ASP A 146 -24.21 0.90 -15.17
N LEU A 147 -24.05 -0.10 -14.32
CA LEU A 147 -22.94 -1.05 -14.50
C LEU A 147 -23.46 -2.19 -15.31
N THR A 148 -24.77 -2.27 -15.20
CA THR A 148 -25.65 -3.26 -15.73
C THR A 148 -25.59 -3.38 -17.24
N ARG A 149 -25.55 -2.23 -17.92
CA ARG A 149 -25.50 -2.19 -19.36
C ARG A 149 -24.13 -2.00 -19.99
N PHE A 150 -23.07 -2.06 -19.19
CA PHE A 150 -21.73 -1.88 -19.73
C PHE A 150 -21.37 -3.01 -20.69
N ARG A 151 -20.50 -2.71 -21.64
CA ARG A 151 -20.07 -3.67 -22.65
C ARG A 151 -18.92 -2.95 -23.34
N LEU A 152 -17.82 -3.64 -23.65
CA LEU A 152 -16.72 -2.94 -24.31
C LEU A 152 -17.24 -2.39 -25.64
N SER A 153 -16.80 -1.22 -26.07
CA SER A 153 -17.32 -0.72 -27.33
C SER A 153 -16.54 -1.27 -28.51
N GLN A 154 -17.18 -1.28 -29.68
CA GLN A 154 -16.53 -1.78 -30.88
C GLN A 154 -15.21 -1.06 -31.08
N ASP A 155 -15.15 0.19 -30.64
CA ASP A 155 -13.90 0.96 -30.74
C ASP A 155 -12.79 0.33 -29.91
N ASP A 156 -13.13 -0.11 -28.69
CA ASP A 156 -12.16 -0.75 -27.82
C ASP A 156 -11.76 -2.10 -28.41
N ILE A 157 -12.76 -2.86 -28.85
CA ILE A 157 -12.53 -4.17 -29.44
C ILE A 157 -11.64 -4.02 -30.68
N ASN A 158 -11.89 -2.97 -31.48
CA ASN A 158 -11.09 -2.74 -32.67
C ASN A 158 -9.62 -2.55 -32.29
N GLY A 159 -9.37 -1.64 -31.36
CA GLY A 159 -8.01 -1.22 -31.08
C GLY A 159 -7.10 -2.24 -30.42
N ILE A 160 -7.67 -3.05 -29.53
CA ILE A 160 -6.88 -4.06 -28.84
C ILE A 160 -6.64 -5.27 -29.75
N GLN A 161 -7.55 -5.54 -30.68
CA GLN A 161 -7.38 -6.65 -31.62
C GLN A 161 -6.41 -6.22 -32.71
N SER A 162 -6.24 -4.91 -32.87
CA SER A 162 -5.30 -4.38 -33.84
C SER A 162 -3.94 -4.87 -33.39
N LEU A 163 -3.78 -4.92 -32.07
CA LEU A 163 -2.55 -5.36 -31.44
C LEU A 163 -2.40 -6.88 -31.28
N TYR A 164 -3.44 -7.52 -30.77
CA TYR A 164 -3.40 -8.96 -30.48
C TYR A 164 -4.26 -9.91 -31.28
N GLY A 165 -5.10 -9.40 -32.18
CA GLY A 165 -5.99 -10.27 -32.92
C GLY A 165 -7.24 -10.68 -32.17
N PRO A 166 -8.20 -11.31 -32.87
CA PRO A 166 -9.45 -11.77 -32.29
C PRO A 166 -9.25 -13.08 -31.52
N PRO A 167 -10.29 -13.57 -30.83
CA PRO A 167 -10.08 -14.83 -30.10
C PRO A 167 -9.91 -15.97 -31.12
N PRO A 168 -8.91 -16.83 -30.89
CA PRO A 168 -8.52 -18.00 -31.70
C PRO A 168 -9.64 -18.90 -32.19
N ASP A 169 -10.68 -19.06 -31.38
CA ASP A 169 -11.83 -19.88 -31.74
C ASP A 169 -12.88 -19.75 -30.64
N PHE B 1 19.76 2.27 26.47
CA PHE B 1 18.95 2.84 25.37
C PHE B 1 19.70 3.96 24.63
N ARG B 2 19.03 4.57 23.66
CA ARG B 2 19.58 5.66 22.86
C ARG B 2 18.38 6.58 22.60
N THR B 3 18.70 7.69 21.93
CA THR B 3 17.63 8.60 21.58
C THR B 3 17.98 9.18 20.18
N PHE B 4 17.23 10.15 19.69
CA PHE B 4 17.50 10.71 18.37
C PHE B 4 18.14 12.10 18.53
N PRO B 5 19.10 12.44 17.65
CA PRO B 5 19.80 13.73 17.68
C PRO B 5 18.96 14.96 18.02
N GLY B 6 19.29 15.61 19.13
CA GLY B 6 18.56 16.77 19.59
C GLY B 6 17.38 16.41 20.47
N ILE B 7 17.30 15.15 20.87
CA ILE B 7 16.17 14.71 21.70
C ILE B 7 14.84 15.13 21.04
N PRO B 8 14.69 14.81 19.75
CA PRO B 8 13.42 15.20 19.13
C PRO B 8 12.30 14.37 19.75
N LYS B 9 11.26 15.03 20.24
CA LYS B 9 10.13 14.32 20.81
C LYS B 9 8.89 15.14 20.48
N TRP B 10 7.71 14.61 20.82
CA TRP B 10 6.46 15.30 20.52
C TRP B 10 5.97 16.27 21.61
N ARG B 11 5.58 17.48 21.23
CA ARG B 11 5.06 18.45 22.20
C ARG B 11 3.69 18.00 22.74
N LYS B 12 2.88 17.38 21.88
CA LYS B 12 1.56 16.93 22.30
C LYS B 12 1.62 15.48 22.81
N THR B 13 0.70 15.11 23.68
CA THR B 13 0.67 13.76 24.23
C THR B 13 -0.32 12.84 23.52
N HIS B 14 -1.28 13.41 22.80
CA HIS B 14 -2.26 12.59 22.07
C HIS B 14 -1.94 12.59 20.57
N LEU B 15 -1.24 11.56 20.13
CA LEU B 15 -0.88 11.43 18.72
C LEU B 15 -1.90 10.64 17.93
N THR B 16 -2.07 10.99 16.65
CA THR B 16 -3.02 10.27 15.81
C THR B 16 -2.28 9.38 14.82
N TYR B 17 -2.96 8.35 14.31
CA TYR B 17 -2.35 7.44 13.35
C TYR B 17 -3.37 7.02 12.28
N ARG B 18 -2.88 6.74 11.07
CA ARG B 18 -3.75 6.33 9.98
C ARG B 18 -3.09 5.22 9.15
N ILE B 19 -3.80 4.11 8.98
CA ILE B 19 -3.29 2.98 8.21
C ILE B 19 -3.63 3.30 6.74
N VAL B 20 -2.67 3.91 6.04
CA VAL B 20 -2.86 4.36 4.66
C VAL B 20 -3.30 3.33 3.59
N ASN B 21 -2.82 2.10 3.71
CA ASN B 21 -3.18 1.02 2.80
C ASN B 21 -3.01 -0.32 3.52
N TYR B 22 -3.27 -1.43 2.85
CA TYR B 22 -3.16 -2.74 3.50
C TYR B 22 -2.38 -3.82 2.75
N THR B 23 -1.67 -4.63 3.53
CA THR B 23 -0.87 -5.73 3.03
C THR B 23 -1.69 -6.93 2.54
N PRO B 24 -1.27 -7.54 1.42
CA PRO B 24 -1.94 -8.70 0.83
C PRO B 24 -1.81 -9.89 1.78
N ASP B 25 -0.73 -9.89 2.55
CA ASP B 25 -0.39 -10.95 3.52
C ASP B 25 -1.41 -11.31 4.59
N LEU B 26 -2.11 -10.33 5.13
CA LEU B 26 -3.07 -10.60 6.21
C LEU B 26 -4.44 -9.97 5.98
N PRO B 27 -5.48 -10.50 6.67
CA PRO B 27 -6.83 -9.96 6.54
C PRO B 27 -6.80 -8.53 7.11
N LYS B 28 -7.73 -7.66 6.70
CA LYS B 28 -7.71 -6.31 7.21
C LYS B 28 -7.78 -6.19 8.74
N ASP B 29 -8.77 -6.81 9.38
CA ASP B 29 -8.90 -6.75 10.83
C ASP B 29 -7.63 -7.16 11.58
N ALA B 30 -6.90 -8.11 11.01
CA ALA B 30 -5.67 -8.61 11.60
C ALA B 30 -4.57 -7.55 11.64
N VAL B 31 -4.53 -6.70 10.61
CA VAL B 31 -3.55 -5.64 10.55
C VAL B 31 -3.86 -4.56 11.58
N ASP B 32 -5.11 -4.15 11.66
CA ASP B 32 -5.52 -3.15 12.63
C ASP B 32 -5.19 -3.61 14.05
N SER B 33 -5.54 -4.84 14.38
CA SER B 33 -5.24 -5.38 15.72
C SER B 33 -3.78 -5.21 16.11
N ALA B 34 -2.90 -5.76 15.27
CA ALA B 34 -1.47 -5.70 15.53
C ALA B 34 -0.96 -4.27 15.70
N VAL B 35 -1.43 -3.35 14.87
CA VAL B 35 -1.01 -1.95 14.99
C VAL B 35 -1.58 -1.32 16.27
N GLU B 36 -2.74 -1.78 16.69
CA GLU B 36 -3.36 -1.25 17.91
C GLU B 36 -2.53 -1.71 19.10
N LYS B 37 -2.20 -2.99 19.11
CA LYS B 37 -1.41 -3.54 20.20
C LYS B 37 0.05 -3.04 20.24
N ALA B 38 0.52 -2.48 19.13
CA ALA B 38 1.89 -1.95 19.08
C ALA B 38 1.93 -0.51 19.59
N LEU B 39 0.80 0.18 19.51
CA LEU B 39 0.70 1.56 20.02
C LEU B 39 0.43 1.43 21.52
N LYS B 40 -0.40 0.46 21.87
CA LYS B 40 -0.76 0.22 23.27
C LYS B 40 0.50 -0.08 24.06
N VAL B 41 1.37 -0.93 23.53
CA VAL B 41 2.62 -1.26 24.19
C VAL B 41 3.29 0.03 24.72
N TRP B 42 3.22 1.11 23.94
CA TRP B 42 3.80 2.37 24.39
C TRP B 42 2.86 3.22 25.24
N GLU B 43 1.55 3.07 25.05
CA GLU B 43 0.59 3.83 25.85
C GLU B 43 0.81 3.44 27.31
N GLU B 44 0.82 2.13 27.56
CA GLU B 44 0.99 1.58 28.90
C GLU B 44 2.15 2.08 29.79
N VAL B 45 3.14 2.76 29.23
CA VAL B 45 4.27 3.20 30.05
C VAL B 45 4.70 4.65 29.92
N THR B 46 3.80 5.50 29.43
CA THR B 46 4.10 6.93 29.27
C THR B 46 2.77 7.65 29.25
N PRO B 47 2.78 8.99 29.19
CA PRO B 47 1.48 9.66 29.18
C PRO B 47 0.88 9.84 27.77
N LEU B 48 1.38 9.07 26.80
CA LEU B 48 0.91 9.17 25.43
C LEU B 48 -0.35 8.41 25.07
N THR B 49 -1.16 9.03 24.23
CA THR B 49 -2.38 8.40 23.79
C THR B 49 -2.43 8.49 22.27
N PHE B 50 -3.23 7.63 21.65
CA PHE B 50 -3.31 7.59 20.20
C PHE B 50 -4.77 7.47 19.76
N SER B 51 -5.04 7.90 18.54
CA SER B 51 -6.40 7.82 18.01
C SER B 51 -6.38 7.67 16.50
N ARG B 52 -7.32 6.90 16.00
CA ARG B 52 -7.38 6.62 14.59
C ARG B 52 -8.11 7.58 13.66
N LEU B 53 -7.50 7.76 12.49
CA LEU B 53 -8.03 8.62 11.43
C LEU B 53 -8.25 7.77 10.20
N TYR B 54 -9.34 8.03 9.49
CA TYR B 54 -9.62 7.25 8.29
C TYR B 54 -9.48 8.09 7.03
N GLU B 55 -8.99 9.30 7.21
CA GLU B 55 -8.76 10.23 6.11
C GLU B 55 -7.90 11.36 6.66
N GLY B 56 -7.40 12.22 5.79
CA GLY B 56 -6.52 13.28 6.24
C GLY B 56 -5.12 12.83 6.60
N GLU B 57 -4.36 13.78 7.12
CA GLU B 57 -2.98 13.57 7.51
C GLU B 57 -2.91 13.33 9.02
N ALA B 58 -2.50 12.14 9.42
CA ALA B 58 -2.39 11.86 10.85
C ALA B 58 -0.95 11.96 11.28
N ASP B 59 -0.69 12.24 12.54
CA ASP B 59 0.69 12.32 13.05
C ASP B 59 1.58 11.19 12.57
N ILE B 60 1.10 9.97 12.80
CA ILE B 60 1.83 8.78 12.41
C ILE B 60 1.13 8.11 11.23
N MET B 61 1.70 8.27 10.04
CA MET B 61 1.12 7.65 8.85
C MET B 61 1.75 6.26 8.71
N ILE B 62 0.89 5.25 8.73
CA ILE B 62 1.33 3.87 8.64
C ILE B 62 0.94 3.23 7.30
N SER B 63 1.94 2.70 6.58
CA SER B 63 1.69 2.06 5.28
C SER B 63 2.67 0.94 4.94
N PHE B 64 2.31 0.15 3.93
CA PHE B 64 3.16 -0.95 3.47
C PHE B 64 3.79 -0.59 2.13
N ALA B 65 5.09 -0.80 2.00
CA ALA B 65 5.78 -0.48 0.76
C ALA B 65 6.68 -1.58 0.20
N VAL B 66 6.92 -1.47 -1.10
CA VAL B 66 7.75 -2.39 -1.86
C VAL B 66 8.80 -1.50 -2.55
N ARG B 67 10.03 -1.97 -2.68
CA ARG B 67 11.07 -1.17 -3.34
C ARG B 67 10.92 0.35 -3.18
N GLU B 68 10.90 1.08 -4.30
CA GLU B 68 10.77 2.54 -4.27
C GLU B 68 9.32 2.90 -3.99
N HIS B 69 9.12 3.82 -3.04
CA HIS B 69 7.76 4.22 -2.69
C HIS B 69 7.63 5.69 -2.29
N GLY B 70 8.63 6.49 -2.60
CA GLY B 70 8.47 7.93 -2.43
C GLY B 70 9.16 8.65 -1.28
N ASP B 71 10.21 8.05 -0.74
CA ASP B 71 10.96 8.68 0.35
C ASP B 71 12.45 8.39 0.12
N PHE B 72 13.33 9.01 0.90
CA PHE B 72 14.77 8.82 0.73
C PHE B 72 15.32 7.37 0.77
N TYR B 73 14.64 6.47 1.47
CA TYR B 73 15.14 5.09 1.59
C TYR B 73 14.23 4.02 1.00
N PRO B 74 14.64 3.46 -0.16
CA PRO B 74 13.93 2.40 -0.90
C PRO B 74 14.21 0.96 -0.43
N PHE B 75 13.14 0.22 -0.20
CA PHE B 75 13.23 -1.15 0.27
C PHE B 75 13.92 -2.14 -0.65
N ASP B 76 14.62 -3.07 -0.02
CA ASP B 76 15.38 -4.13 -0.68
C ASP B 76 14.66 -5.47 -0.84
N GLY B 77 13.43 -5.49 -1.33
CA GLY B 77 12.78 -6.78 -1.57
C GLY B 77 12.87 -7.79 -0.42
N PRO B 78 12.74 -9.09 -0.71
CA PRO B 78 12.80 -10.18 0.26
C PRO B 78 14.02 -10.12 1.18
N GLY B 79 13.79 -10.16 2.48
CA GLY B 79 14.88 -10.16 3.45
C GLY B 79 15.48 -8.80 3.79
N ASN B 80 16.53 -8.82 4.62
CA ASN B 80 17.25 -7.62 5.05
C ASN B 80 16.35 -6.53 5.63
N VAL B 81 16.58 -5.25 5.28
CA VAL B 81 15.72 -4.19 5.81
C VAL B 81 14.26 -4.65 5.70
N LEU B 82 13.56 -4.65 6.82
CA LEU B 82 12.16 -5.10 6.86
C LEU B 82 11.20 -3.91 7.02
N ALA B 83 11.61 -2.89 7.79
CA ALA B 83 10.76 -1.71 8.01
C ALA B 83 11.54 -0.51 8.53
N HIS B 84 10.99 0.69 8.35
CA HIS B 84 11.65 1.91 8.86
C HIS B 84 10.65 3.00 9.22
N ALA B 85 10.95 3.75 10.26
CA ALA B 85 10.07 4.81 10.69
C ALA B 85 10.91 6.07 10.88
N TYR B 86 10.26 7.20 11.08
CA TYR B 86 10.99 8.44 11.25
C TYR B 86 10.75 9.02 12.63
N ALA B 87 11.77 9.65 13.17
CA ALA B 87 11.70 10.30 14.48
C ALA B 87 10.62 11.40 14.45
N PRO B 88 10.18 11.84 15.63
CA PRO B 88 9.16 12.89 15.84
C PRO B 88 9.33 14.14 14.96
N GLY B 89 8.23 14.85 14.72
CA GLY B 89 8.25 15.94 13.76
C GLY B 89 7.14 15.86 12.73
N PRO B 90 6.92 16.92 11.92
CA PRO B 90 5.86 16.94 10.91
C PRO B 90 6.11 16.15 9.63
N GLY B 91 5.03 15.92 8.88
CA GLY B 91 5.14 15.30 7.58
C GLY B 91 5.64 13.88 7.63
N ILE B 92 6.75 13.63 6.95
CA ILE B 92 7.34 12.30 6.91
C ILE B 92 7.78 11.82 8.30
N ASN B 93 8.11 12.76 9.17
CA ASN B 93 8.50 12.39 10.52
C ASN B 93 7.37 11.69 11.29
N GLY B 94 7.75 10.66 12.03
CA GLY B 94 6.78 9.94 12.84
C GLY B 94 6.03 8.88 12.06
N ASP B 95 6.37 8.75 10.79
CA ASP B 95 5.74 7.76 9.90
C ASP B 95 6.46 6.43 9.96
N ALA B 96 5.77 5.37 9.56
CA ALA B 96 6.34 4.03 9.59
C ALA B 96 6.00 3.24 8.32
N HIS B 97 6.99 2.56 7.76
CA HIS B 97 6.82 1.78 6.55
C HIS B 97 7.29 0.34 6.70
N PHE B 98 6.51 -0.59 6.18
CA PHE B 98 6.87 -1.99 6.26
C PHE B 98 7.05 -2.56 4.87
N ASP B 99 8.06 -3.36 4.69
CA ASP B 99 8.37 -3.94 3.40
C ASP B 99 7.39 -5.05 3.05
N ASP B 100 6.46 -4.81 2.13
CA ASP B 100 5.54 -5.87 1.81
C ASP B 100 6.17 -7.03 1.06
N ASP B 101 7.46 -6.92 0.75
CA ASP B 101 8.17 -8.01 0.10
C ASP B 101 8.46 -9.09 1.16
N GLU B 102 8.07 -8.80 2.39
CA GLU B 102 8.22 -9.72 3.51
C GLU B 102 6.86 -10.30 3.83
N GLN B 103 6.82 -11.48 4.44
CA GLN B 103 5.56 -12.08 4.82
C GLN B 103 5.24 -11.67 6.24
N TRP B 104 4.26 -10.79 6.37
CA TRP B 104 3.84 -10.32 7.68
C TRP B 104 2.81 -11.30 8.17
N THR B 105 3.00 -11.74 9.41
CA THR B 105 2.13 -12.72 10.01
C THR B 105 1.62 -12.32 11.37
N LYS B 106 0.52 -12.96 11.77
CA LYS B 106 -0.08 -12.75 13.08
C LYS B 106 0.73 -13.58 14.09
N ASP B 107 1.49 -14.55 13.59
CA ASP B 107 2.31 -15.39 14.45
C ASP B 107 3.81 -15.22 14.15
N THR B 108 4.63 -16.21 14.46
CA THR B 108 6.07 -16.12 14.21
C THR B 108 6.53 -16.90 12.99
N THR B 109 5.56 -17.41 12.23
CA THR B 109 5.86 -18.19 11.02
C THR B 109 6.56 -17.37 9.92
N GLY B 110 6.76 -16.09 10.18
CA GLY B 110 7.38 -15.24 9.19
C GLY B 110 7.85 -14.04 9.98
N THR B 111 7.65 -12.84 9.44
CA THR B 111 8.03 -11.67 10.20
C THR B 111 6.77 -11.19 10.88
N ASN B 112 6.77 -11.28 12.20
CA ASN B 112 5.61 -10.86 12.99
C ASN B 112 5.33 -9.36 12.82
N LEU B 113 4.12 -8.99 12.43
CA LEU B 113 3.83 -7.57 12.23
C LEU B 113 3.82 -6.74 13.52
N PHE B 114 3.34 -7.31 14.61
CA PHE B 114 3.30 -6.59 15.89
C PHE B 114 4.69 -6.28 16.47
N LEU B 115 5.61 -7.24 16.41
CA LEU B 115 6.96 -7.03 16.94
C LEU B 115 7.70 -5.88 16.25
N VAL B 116 7.78 -5.96 14.92
CA VAL B 116 8.44 -4.92 14.14
C VAL B 116 7.66 -3.62 14.28
N ALA B 117 6.34 -3.71 14.22
CA ALA B 117 5.49 -2.52 14.36
C ALA B 117 5.81 -1.79 15.66
N ALA B 118 5.87 -2.52 16.78
CA ALA B 118 6.18 -1.94 18.08
C ALA B 118 7.55 -1.26 18.10
N HIS B 119 8.57 -1.89 17.50
CA HIS B 119 9.92 -1.34 17.41
C HIS B 119 9.85 -0.07 16.52
N GLU B 120 9.04 -0.12 15.47
CA GLU B 120 8.88 1.03 14.58
C GLU B 120 8.27 2.23 15.32
N ILE B 121 7.08 2.09 15.88
CA ILE B 121 6.48 3.21 16.61
C ILE B 121 7.35 3.61 17.80
N GLY B 122 8.41 2.84 18.07
CA GLY B 122 9.42 3.31 19.01
C GLY B 122 10.23 4.41 18.35
N HIS B 123 10.58 4.14 17.10
CA HIS B 123 11.34 5.10 16.31
C HIS B 123 10.51 6.36 16.11
N SER B 124 9.25 6.17 15.72
CA SER B 124 8.34 7.29 15.50
C SER B 124 8.28 8.07 16.80
N LEU B 125 8.60 7.41 17.90
CA LEU B 125 8.55 8.05 19.18
C LEU B 125 9.78 8.79 19.70
N GLY B 126 10.96 8.56 19.13
CA GLY B 126 12.11 9.21 19.68
C GLY B 126 13.27 8.30 20.05
N LEU B 127 12.97 7.05 20.34
CA LEU B 127 14.01 6.09 20.69
C LEU B 127 14.77 5.63 19.46
N PHE B 128 16.09 5.57 19.57
CA PHE B 128 16.91 5.11 18.47
C PHE B 128 17.29 3.66 18.77
N HIS B 129 18.30 3.12 18.10
CA HIS B 129 18.72 1.74 18.39
C HIS B 129 19.56 1.69 19.65
N SER B 130 19.24 0.73 20.50
CA SER B 130 19.92 0.55 21.78
C SER B 130 20.98 -0.56 21.80
N ALA B 131 21.56 -0.82 22.97
CA ALA B 131 22.60 -1.84 23.11
C ALA B 131 22.14 -3.07 23.89
N ASN B 132 21.32 -2.85 24.92
CA ASN B 132 20.82 -3.96 25.73
C ASN B 132 20.10 -4.87 24.73
N THR B 133 20.72 -5.99 24.38
CA THR B 133 20.17 -6.93 23.40
C THR B 133 18.74 -7.38 23.66
N GLU B 134 18.31 -7.27 24.91
CA GLU B 134 16.95 -7.63 25.30
C GLU B 134 15.91 -6.53 25.02
N ALA B 135 16.39 -5.34 24.70
CA ALA B 135 15.48 -4.23 24.44
C ALA B 135 14.77 -4.33 23.09
N LEU B 136 13.44 -4.20 23.08
CA LEU B 136 12.67 -4.23 21.84
C LEU B 136 13.30 -3.31 20.79
N MET B 137 13.88 -2.21 21.24
CA MET B 137 14.52 -1.27 20.33
C MET B 137 15.88 -1.74 19.80
N TYR B 138 16.27 -2.95 20.16
CA TYR B 138 17.53 -3.51 19.69
C TYR B 138 17.31 -3.88 18.21
N PRO B 139 18.17 -3.38 17.31
CA PRO B 139 18.08 -3.63 15.87
C PRO B 139 18.31 -5.05 15.36
N LEU B 140 17.72 -6.03 16.04
CA LEU B 140 17.89 -7.41 15.60
C LEU B 140 16.58 -8.16 15.69
N TYR B 141 16.05 -8.55 14.55
CA TYR B 141 14.81 -9.27 14.59
C TYR B 141 14.90 -10.79 14.64
N HIS B 142 14.16 -11.40 15.57
CA HIS B 142 14.15 -12.83 15.66
C HIS B 142 12.85 -13.41 16.18
N SER B 143 12.76 -14.72 16.03
CA SER B 143 11.59 -15.41 16.50
C SER B 143 11.87 -15.96 17.86
N LEU B 144 11.15 -15.43 18.81
CA LEU B 144 11.18 -15.98 20.13
C LEU B 144 9.85 -16.61 19.69
N THR B 145 9.23 -17.47 20.43
CA THR B 145 7.98 -17.99 19.93
C THR B 145 6.77 -17.52 20.71
N ASP B 146 7.09 -17.04 21.88
CA ASP B 146 6.13 -16.59 22.85
C ASP B 146 5.64 -15.13 22.89
N LEU B 147 4.91 -14.69 21.87
CA LEU B 147 4.37 -13.32 21.87
C LEU B 147 3.23 -13.28 22.89
N THR B 148 3.13 -14.37 23.66
CA THR B 148 2.16 -14.52 24.73
C THR B 148 2.65 -13.67 25.89
N ARG B 149 3.78 -14.09 26.48
CA ARG B 149 4.38 -13.35 27.60
C ARG B 149 5.29 -12.22 27.08
N PHE B 150 4.74 -11.29 26.32
CA PHE B 150 5.57 -10.19 25.81
C PHE B 150 5.47 -8.89 26.62
N ARG B 151 6.61 -8.28 26.90
CA ARG B 151 6.64 -7.02 27.64
C ARG B 151 7.90 -6.21 27.32
N LEU B 152 7.80 -4.89 27.43
CA LEU B 152 8.94 -3.99 27.19
C LEU B 152 10.01 -4.16 28.25
N SER B 153 11.28 -4.08 27.86
CA SER B 153 12.37 -4.20 28.83
C SER B 153 12.60 -2.84 29.49
N GLN B 154 13.06 -2.83 30.73
CA GLN B 154 13.27 -1.55 31.43
C GLN B 154 14.12 -0.57 30.60
N ASP B 155 15.11 -1.10 29.89
CA ASP B 155 15.95 -0.29 28.99
C ASP B 155 14.99 0.53 28.14
N ASP B 156 14.22 -0.15 27.30
CA ASP B 156 13.22 0.52 26.45
C ASP B 156 12.36 1.45 27.31
N ILE B 157 11.93 0.96 28.46
CA ILE B 157 11.09 1.73 29.38
C ILE B 157 11.67 3.07 29.86
N ASN B 158 12.87 3.05 30.44
CA ASN B 158 13.47 4.29 30.93
C ASN B 158 13.97 5.13 29.76
N GLY B 159 14.02 4.53 28.58
CA GLY B 159 14.37 5.29 27.40
C GLY B 159 13.12 6.04 26.99
N ILE B 160 12.04 5.32 26.74
CA ILE B 160 10.82 5.97 26.36
C ILE B 160 10.52 7.01 27.46
N GLN B 161 10.64 6.57 28.71
CA GLN B 161 10.39 7.47 29.83
C GLN B 161 11.35 8.67 29.95
N SER B 162 12.58 8.57 29.44
CA SER B 162 13.51 9.70 29.49
C SER B 162 13.03 10.80 28.56
N LEU B 163 11.99 10.50 27.80
CA LEU B 163 11.41 11.45 26.86
C LEU B 163 10.06 11.95 27.37
N TYR B 164 9.12 11.06 27.64
CA TYR B 164 7.82 11.51 28.14
C TYR B 164 7.50 11.15 29.61
N GLY B 165 8.42 10.50 30.31
CA GLY B 165 8.12 10.00 31.64
C GLY B 165 7.08 8.88 31.62
N PRO B 166 6.61 8.44 32.78
CA PRO B 166 5.61 7.37 32.94
C PRO B 166 4.18 7.89 32.85
N PRO B 167 3.19 7.00 33.02
CA PRO B 167 1.77 7.37 32.98
C PRO B 167 1.45 8.20 34.23
N PRO B 168 0.26 8.82 34.30
CA PRO B 168 -0.16 9.63 35.45
C PRO B 168 -0.89 8.87 36.57
N ASP B 169 -1.75 7.94 36.17
CA ASP B 169 -2.53 7.10 37.10
C ASP B 169 -1.74 5.91 37.63
N SER B 170 -0.48 5.80 37.23
CA SER B 170 0.36 4.67 37.64
C SER B 170 1.50 4.95 38.60
N PRO B 171 1.68 4.07 39.58
CA PRO B 171 2.73 4.09 40.62
C PRO B 171 3.90 3.15 40.30
N GLU B 172 3.78 2.37 39.20
CA GLU B 172 4.81 1.44 38.74
C GLU B 172 5.10 1.56 37.26
N THR B 173 6.16 2.29 36.91
CA THR B 173 6.64 2.45 35.56
C THR B 173 5.93 1.89 34.27
#